data_3V4J
#
_entry.id   3V4J
#
_cell.length_a   53.080
_cell.length_b   67.764
_cell.length_c   64.472
_cell.angle_alpha   90.00
_cell.angle_beta   107.38
_cell.angle_gamma   90.00
#
_symmetry.space_group_name_H-M   'P 1 21 1'
#
loop_
_entity.id
_entity.type
_entity.pdbx_description
1 polymer 'DNA dC->dU-editing enzyme APOBEC-3G'
2 non-polymer 'ZINC ION'
3 non-polymer 4-[methyl(nitroso)amino]benzene-1,2-diol
4 water water
#
_entity_poly.entity_id   1
_entity_poly.type   'polypeptide(L)'
_entity_poly.pdbx_seq_one_letter_code
;GPLGSPEFELGTTEILRHSMDPPTFTFNFNNEPWVRGRHETYLCYEVERMHNDTWVKLNQRRGFLANQAPHKHGFLEGRH
AELCFLDVIPFWKLDLDQDYRVTCFTSWSPCFSCAQEMAKFISKNKHVSLCIKTARIYDDQGRAQEGLRTLAEAGAKISI
MTYSEFKHCWDTFVDHQGAPFQPWDGLDEHSQDLSGRLRAILQNQEN
;
_entity_poly.pdbx_strand_id   A,B
#
loop_
_chem_comp.id
_chem_comp.type
_chem_comp.name
_chem_comp.formula
PQR non-polymer 4-[methyl(nitroso)amino]benzene-1,2-diol 'C7 H8 N2 O3'
ZN non-polymer 'ZINC ION' 'Zn 2'
#
# COMPACT_ATOMS: atom_id res chain seq x y z
N SER A 19 -12.43 8.53 -22.03
CA SER A 19 -13.11 7.50 -21.20
C SER A 19 -13.41 6.21 -21.97
N MET A 20 -13.73 5.21 -21.15
CA MET A 20 -13.69 3.81 -21.54
C MET A 20 -15.09 3.21 -21.41
N ASP A 21 -15.43 2.39 -22.39
CA ASP A 21 -16.59 1.53 -22.33
C ASP A 21 -16.56 0.62 -21.10
N PRO A 22 -17.66 0.55 -20.33
CA PRO A 22 -17.75 -0.39 -19.22
C PRO A 22 -17.32 -1.85 -19.55
N PRO A 23 -17.88 -2.47 -20.59
CA PRO A 23 -17.45 -3.85 -20.91
C PRO A 23 -15.95 -3.95 -21.19
N THR A 24 -15.38 -2.93 -21.82
CA THR A 24 -13.94 -2.85 -22.05
C THR A 24 -13.11 -2.79 -20.77
N PHE A 25 -13.54 -1.99 -19.81
CA PHE A 25 -12.90 -1.97 -18.47
C PHE A 25 -13.00 -3.32 -17.80
N THR A 26 -14.21 -3.84 -17.76
CA THR A 26 -14.52 -5.06 -17.03
C THR A 26 -13.75 -6.27 -17.57
N PHE A 27 -13.77 -6.47 -18.89
CA PHE A 27 -12.98 -7.50 -19.53
C PHE A 27 -11.46 -7.37 -19.25
N ASN A 28 -10.93 -6.18 -19.46
CA ASN A 28 -9.49 -5.96 -19.34
C ASN A 28 -8.88 -5.85 -17.94
N PHE A 29 -9.67 -5.44 -16.96
CA PHE A 29 -9.11 -5.22 -15.63
C PHE A 29 -9.45 -6.34 -14.65
N ASN A 30 -10.29 -7.28 -15.11
CA ASN A 30 -10.46 -8.61 -14.48
C ASN A 30 -9.15 -9.26 -14.05
N ASN A 31 -9.03 -9.57 -12.76
CA ASN A 31 -7.77 -10.07 -12.21
C ASN A 31 -7.77 -11.58 -11.92
N GLU A 32 -8.79 -12.27 -12.41
CA GLU A 32 -8.83 -13.71 -12.37
C GLU A 32 -7.70 -14.24 -13.22
N PRO A 33 -6.92 -15.17 -12.66
CA PRO A 33 -5.73 -15.60 -13.39
C PRO A 33 -6.01 -16.58 -14.55
N TRP A 34 -7.18 -17.20 -14.55
CA TRP A 34 -7.50 -18.28 -15.51
C TRP A 34 -8.16 -17.84 -16.78
N VAL A 35 -8.57 -16.57 -16.84
CA VAL A 35 -9.17 -16.03 -18.03
C VAL A 35 -8.06 -15.78 -19.07
N ARG A 36 -8.45 -15.86 -20.33
CA ARG A 36 -7.54 -15.69 -21.44
C ARG A 36 -8.17 -14.72 -22.42
N GLY A 37 -7.38 -14.36 -23.42
CA GLY A 37 -7.83 -13.47 -24.49
C GLY A 37 -7.63 -12.00 -24.20
N ARG A 38 -7.02 -11.67 -23.06
CA ARG A 38 -6.66 -10.27 -22.78
C ARG A 38 -5.30 -10.01 -23.42
N HIS A 39 -5.33 -9.85 -24.74
CA HIS A 39 -4.12 -9.62 -25.52
CA HIS A 39 -4.12 -9.63 -25.53
C HIS A 39 -3.70 -8.19 -25.41
N GLU A 40 -4.65 -7.30 -25.15
CA GLU A 40 -4.29 -5.86 -25.03
C GLU A 40 -3.82 -5.49 -23.63
N THR A 41 -3.09 -4.40 -23.56
CA THR A 41 -2.77 -3.71 -22.31
C THR A 41 -3.41 -2.33 -22.36
N TYR A 42 -4.23 -2.04 -21.34
CA TYR A 42 -4.76 -0.69 -21.11
C TYR A 42 -4.03 0.00 -19.99
N LEU A 43 -3.77 1.29 -20.22
CA LEU A 43 -3.03 2.13 -19.29
C LEU A 43 -3.79 3.45 -19.02
N CYS A 44 -4.21 3.62 -17.77
CA CYS A 44 -4.90 4.84 -17.31
C CYS A 44 -3.89 5.67 -16.49
N TYR A 45 -3.77 6.93 -16.81
CA TYR A 45 -2.82 7.78 -16.14
C TYR A 45 -3.43 9.05 -15.55
N GLU A 46 -2.84 9.45 -14.43
CA GLU A 46 -3.20 10.65 -13.66
C GLU A 46 -1.93 11.35 -13.19
N VAL A 47 -1.98 12.66 -13.02
CA VAL A 47 -0.80 13.42 -12.55
C VAL A 47 -1.20 14.26 -11.35
N GLU A 48 -0.36 14.21 -10.32
CA GLU A 48 -0.43 15.14 -9.20
C GLU A 48 0.81 16.03 -9.15
N ARG A 49 0.63 17.26 -8.70
CA ARG A 49 1.75 18.15 -8.46
C ARG A 49 1.83 18.45 -6.97
N MET A 50 3.04 18.41 -6.46
CA MET A 50 3.30 18.78 -5.08
C MET A 50 3.19 20.30 -4.88
N HIS A 51 2.25 20.69 -4.04
CA HIS A 51 2.14 22.08 -3.65
C HIS A 51 2.10 22.12 -2.14
N ASN A 52 3.23 22.52 -1.56
CA ASN A 52 3.36 22.75 -0.13
C ASN A 52 2.85 21.59 0.72
N ASP A 53 3.53 20.46 0.58
CA ASP A 53 3.31 19.29 1.44
C ASP A 53 2.10 18.43 1.10
N THR A 54 1.24 18.91 0.20
CA THR A 54 0.20 18.05 -0.30
C THR A 54 0.32 17.83 -1.80
N TRP A 55 -0.10 16.63 -2.21
CA TRP A 55 -0.26 16.31 -3.64
C TRP A 55 -1.54 16.85 -4.16
N VAL A 56 -1.50 17.77 -5.13
CA VAL A 56 -2.72 18.35 -5.73
C VAL A 56 -2.96 17.72 -7.09
N LYS A 57 -4.15 17.22 -7.34
CA LYS A 57 -4.46 16.62 -8.64
C LYS A 57 -4.52 17.66 -9.74
N LEU A 58 -3.97 17.26 -10.90
CA LEU A 58 -4.01 18.01 -12.14
C LEU A 58 -4.96 17.26 -13.07
N ASN A 59 -6.24 17.40 -12.77
CA ASN A 59 -7.28 16.61 -13.46
C ASN A 59 -7.34 16.86 -14.97
N GLN A 60 -6.78 17.99 -15.44
CA GLN A 60 -6.72 18.28 -16.86
C GLN A 60 -5.73 17.39 -17.59
N ARG A 61 -4.84 16.73 -16.85
CA ARG A 61 -3.84 15.85 -17.45
C ARG A 61 -4.25 14.35 -17.54
N ARG A 62 -5.46 14.00 -17.11
CA ARG A 62 -5.84 12.56 -16.93
C ARG A 62 -6.18 11.91 -18.26
N GLY A 63 -5.92 10.63 -18.40
CA GLY A 63 -6.26 9.95 -19.64
C GLY A 63 -5.96 8.48 -19.58
N PHE A 64 -6.24 7.80 -20.68
CA PHE A 64 -5.95 6.38 -20.81
C PHE A 64 -5.54 6.09 -22.24
N LEU A 65 -4.83 4.97 -22.41
CA LEU A 65 -4.45 4.48 -23.74
C LEU A 65 -4.30 2.96 -23.71
N ALA A 66 -4.21 2.38 -24.90
CA ALA A 66 -3.92 0.94 -25.07
C ALA A 66 -2.76 0.71 -26.03
N ASN A 67 -2.19 -0.49 -26.01
CA ASN A 67 -1.10 -0.81 -26.94
C ASN A 67 -1.61 -0.72 -28.36
N GLN A 68 -0.69 -0.44 -29.30
CA GLN A 68 -1.06 -0.40 -30.71
C GLN A 68 -0.90 -1.78 -31.38
N ALA A 69 -1.87 -2.17 -32.22
CA ALA A 69 -1.74 -3.33 -33.11
C ALA A 69 -0.55 -3.16 -34.07
N PRO A 70 0.10 -4.27 -34.45
CA PRO A 70 1.16 -4.17 -35.45
C PRO A 70 0.62 -3.63 -36.77
N HIS A 71 1.48 -2.98 -37.53
CA HIS A 71 1.10 -2.41 -38.81
C HIS A 71 0.85 -3.52 -39.80
N LYS A 72 -0.08 -3.30 -40.73
CA LYS A 72 -0.54 -4.35 -41.65
C LYS A 72 0.60 -4.98 -42.46
N HIS A 73 1.69 -4.23 -42.67
CA HIS A 73 2.85 -4.70 -43.42
C HIS A 73 3.65 -5.80 -42.78
N GLY A 74 3.41 -6.06 -41.49
CA GLY A 74 4.13 -7.11 -40.77
C GLY A 74 5.54 -6.76 -40.37
N PHE A 75 6.24 -7.74 -39.82
CA PHE A 75 7.67 -7.68 -39.44
C PHE A 75 7.93 -7.01 -38.08
N LEU A 76 7.42 -5.80 -37.90
CA LEU A 76 7.58 -5.04 -36.64
C LEU A 76 6.40 -5.25 -35.69
N GLU A 77 6.67 -5.43 -34.41
CA GLU A 77 5.57 -5.58 -33.44
C GLU A 77 4.86 -4.24 -33.16
N GLY A 78 3.60 -4.33 -32.80
CA GLY A 78 2.82 -3.16 -32.44
C GLY A 78 3.43 -2.46 -31.24
N ARG A 79 3.30 -1.14 -31.22
CA ARG A 79 3.94 -0.32 -30.19
C ARG A 79 3.26 -0.51 -28.84
N HIS A 80 4.05 -0.77 -27.82
CA HIS A 80 3.50 -1.09 -26.49
C HIS A 80 2.98 0.12 -25.80
N ALA A 81 1.90 -0.06 -25.04
CA ALA A 81 1.21 0.99 -24.30
C ALA A 81 2.16 1.79 -23.41
N GLU A 82 3.16 1.10 -22.85
CA GLU A 82 4.08 1.71 -21.92
C GLU A 82 4.95 2.69 -22.68
N LEU A 83 5.29 2.34 -23.92
CA LEU A 83 6.13 3.19 -24.76
C LEU A 83 5.31 4.39 -25.23
N CYS A 84 4.05 4.16 -25.64
CA CYS A 84 3.14 5.25 -25.96
C CYS A 84 3.03 6.24 -24.82
N PHE A 85 2.95 5.72 -23.61
CA PHE A 85 2.76 6.52 -22.42
C PHE A 85 3.94 7.46 -22.24
N LEU A 86 5.17 6.91 -22.32
CA LEU A 86 6.38 7.69 -22.23
C LEU A 86 6.45 8.73 -23.35
N ASP A 87 6.03 8.35 -24.57
CA ASP A 87 5.95 9.25 -25.75
C ASP A 87 5.19 10.55 -25.45
N VAL A 88 4.16 10.44 -24.62
CA VAL A 88 3.21 11.51 -24.36
C VAL A 88 3.61 12.48 -23.23
N ILE A 89 4.36 11.98 -22.25
CA ILE A 89 4.70 12.80 -21.06
C ILE A 89 5.33 14.14 -21.44
N PRO A 90 6.32 14.14 -22.38
CA PRO A 90 6.95 15.39 -22.77
C PRO A 90 6.00 16.46 -23.26
N PHE A 91 4.84 16.06 -23.79
CA PHE A 91 3.85 17.03 -24.32
C PHE A 91 2.97 17.66 -23.24
N TRP A 92 3.09 17.18 -22.00
CA TRP A 92 2.43 17.81 -20.86
C TRP A 92 3.12 19.07 -20.45
N LYS A 93 4.38 19.23 -20.88
CA LYS A 93 5.23 20.37 -20.53
C LYS A 93 5.21 20.65 -19.03
N LEU A 94 5.61 19.62 -18.26
CA LEU A 94 5.78 19.72 -16.82
C LEU A 94 6.96 20.65 -16.55
N ASP A 95 6.90 21.33 -15.42
CA ASP A 95 7.96 22.22 -14.95
C ASP A 95 9.04 21.36 -14.31
N LEU A 96 10.23 21.39 -14.91
CA LEU A 96 11.37 20.61 -14.41
C LEU A 96 11.81 20.96 -12.98
N ASP A 97 11.30 22.07 -12.43
CA ASP A 97 11.67 22.49 -11.07
C ASP A 97 10.64 22.04 -10.04
N GLN A 98 9.53 21.50 -10.54
CA GLN A 98 8.48 21.06 -9.66
C GLN A 98 8.52 19.56 -9.48
N ASP A 99 7.79 19.08 -8.48
CA ASP A 99 7.68 17.64 -8.18
C ASP A 99 6.30 17.10 -8.54
N TYR A 100 6.29 16.00 -9.27
CA TYR A 100 5.10 15.42 -9.83
C TYR A 100 5.04 13.94 -9.49
N ARG A 101 3.82 13.50 -9.23
CA ARG A 101 3.55 12.08 -9.02
C ARG A 101 2.63 11.56 -10.09
N VAL A 102 3.15 10.66 -10.89
CA VAL A 102 2.43 10.12 -12.02
C VAL A 102 2.01 8.68 -11.73
N THR A 103 0.71 8.46 -11.74
CA THR A 103 0.13 7.15 -11.46
C THR A 103 -0.40 6.49 -12.75
N CYS A 104 0.06 5.26 -12.99
CA CYS A 104 -0.49 4.41 -14.05
C CYS A 104 -1.27 3.27 -13.45
N PHE A 105 -2.49 3.08 -13.96
CA PHE A 105 -3.31 1.92 -13.66
C PHE A 105 -3.35 1.04 -14.92
N THR A 106 -2.65 -0.09 -14.84
CA THR A 106 -2.32 -0.92 -15.98
C THR A 106 -2.99 -2.29 -15.82
N SER A 107 -3.54 -2.80 -16.91
CA SER A 107 -4.25 -4.10 -16.87
C SER A 107 -3.25 -5.25 -16.79
N TRP A 108 -2.12 -5.06 -17.45
CA TRP A 108 -0.92 -5.91 -17.38
C TRP A 108 0.24 -5.06 -16.94
N SER A 109 1.17 -5.65 -16.19
CA SER A 109 2.43 -5.01 -15.91
C SER A 109 3.35 -5.01 -17.16
N PRO A 110 4.42 -4.18 -17.17
CA PRO A 110 5.26 -4.09 -18.40
C PRO A 110 6.10 -5.31 -18.71
N CYS A 111 6.30 -5.57 -20.00
CA CYS A 111 7.31 -6.51 -20.45
C CYS A 111 8.71 -5.96 -20.11
N PHE A 112 9.71 -6.82 -20.27
CA PHE A 112 11.08 -6.45 -19.92
C PHE A 112 11.60 -5.15 -20.58
N SER A 113 11.48 -5.08 -21.91
CA SER A 113 12.05 -3.96 -22.65
C SER A 113 11.33 -2.67 -22.28
N CYS A 114 10.03 -2.72 -22.06
CA CYS A 114 9.32 -1.52 -21.62
C CYS A 114 9.71 -1.07 -20.22
N ALA A 115 9.85 -2.02 -19.29
CA ALA A 115 10.31 -1.71 -17.93
C ALA A 115 11.66 -0.99 -17.93
N GLN A 116 12.58 -1.45 -18.77
CA GLN A 116 13.93 -0.86 -18.85
C GLN A 116 13.85 0.56 -19.41
N GLU A 117 12.99 0.75 -20.40
CA GLU A 117 12.76 2.06 -20.98
C GLU A 117 12.18 3.01 -19.93
N MET A 118 11.25 2.47 -19.13
CA MET A 118 10.61 3.25 -18.07
C MET A 118 11.62 3.64 -16.99
N ALA A 119 12.47 2.69 -16.58
CA ALA A 119 13.54 2.92 -15.61
C ALA A 119 14.49 4.03 -16.05
N LYS A 120 14.84 4.00 -17.33
CA LYS A 120 15.68 5.00 -17.96
C LYS A 120 14.99 6.36 -17.95
N PHE A 121 13.70 6.37 -18.25
CA PHE A 121 12.97 7.61 -18.29
C PHE A 121 12.99 8.31 -16.93
N ILE A 122 12.66 7.57 -15.87
CA ILE A 122 12.56 8.17 -14.53
C ILE A 122 13.92 8.56 -13.96
N SER A 123 14.97 7.89 -14.42
CA SER A 123 16.34 8.21 -14.01
C SER A 123 16.72 9.58 -14.59
N LYS A 124 16.26 9.87 -15.80
CA LYS A 124 16.60 11.10 -16.49
C LYS A 124 15.65 12.24 -16.10
N ASN A 125 14.44 11.89 -15.68
CA ASN A 125 13.45 12.85 -15.22
C ASN A 125 13.13 12.74 -13.72
N LYS A 126 13.96 13.38 -12.89
CA LYS A 126 13.86 13.26 -11.43
C LYS A 126 12.73 14.11 -10.80
N HIS A 127 12.07 14.94 -11.60
CA HIS A 127 10.86 15.64 -11.15
C HIS A 127 9.63 14.76 -11.23
N VAL A 128 9.79 13.56 -11.78
CA VAL A 128 8.68 12.58 -11.88
C VAL A 128 8.88 11.39 -10.95
N SER A 129 7.92 11.21 -10.07
CA SER A 129 7.73 10.02 -9.27
C SER A 129 6.69 9.17 -9.97
N LEU A 130 7.05 7.93 -10.23
CA LEU A 130 6.20 7.05 -11.00
C LEU A 130 5.58 6.07 -10.00
N CYS A 131 4.14 5.84 -10.09
CA CYS A 131 3.49 4.77 -9.35
C CYS A 131 2.77 3.94 -10.35
N ILE A 132 3.18 2.50 -10.59
CA ILE A 132 2.44 1.58 -11.50
C ILE A 132 1.68 0.64 -10.57
N LYS A 133 0.36 0.69 -10.72
CA LYS A 133 -0.60 -0.16 -10.03
C LYS A 133 -1.22 -1.04 -11.11
N THR A 134 -0.97 -2.34 -11.01
CA THR A 134 -1.27 -3.30 -12.06
C THR A 134 -2.33 -4.30 -11.64
N ALA A 135 -3.26 -4.54 -12.55
CA ALA A 135 -4.31 -5.52 -12.33
C ALA A 135 -3.73 -6.94 -12.26
N ARG A 136 -2.80 -7.22 -13.17
CA ARG A 136 -2.19 -8.56 -13.32
C ARG A 136 -0.68 -8.44 -13.59
N ILE A 137 0.07 -9.49 -13.27
CA ILE A 137 1.49 -9.56 -13.59
C ILE A 137 1.69 -10.27 -14.93
N TYR A 138 2.32 -9.58 -15.89
CA TYR A 138 2.64 -10.18 -17.20
CA TYR A 138 2.64 -10.15 -17.17
C TYR A 138 3.94 -10.96 -17.07
N ASP A 139 3.93 -12.14 -17.65
CA ASP A 139 5.02 -13.12 -17.54
C ASP A 139 6.27 -12.75 -18.35
N ASP A 140 6.06 -12.39 -19.61
CA ASP A 140 7.15 -12.14 -20.59
C ASP A 140 8.16 -13.30 -20.56
N GLN A 141 7.65 -14.53 -20.56
CA GLN A 141 8.48 -15.76 -20.54
C GLN A 141 9.58 -15.71 -19.48
N GLY A 142 9.19 -15.44 -18.23
CA GLY A 142 10.13 -15.40 -17.10
C GLY A 142 10.95 -14.14 -16.92
N ARG A 143 11.46 -13.61 -18.04
CA ARG A 143 12.36 -12.45 -18.07
C ARG A 143 11.73 -11.10 -17.64
N ALA A 144 10.42 -11.06 -17.40
CA ALA A 144 9.71 -9.85 -16.97
C ALA A 144 9.99 -9.50 -15.50
N GLN A 145 10.19 -10.52 -14.67
CA GLN A 145 10.50 -10.32 -13.24
C GLN A 145 11.73 -9.42 -13.06
N GLU A 146 12.71 -9.60 -13.94
CA GLU A 146 13.94 -8.82 -13.88
C GLU A 146 13.65 -7.33 -14.14
N GLY A 147 12.77 -7.06 -15.10
CA GLY A 147 12.48 -5.69 -15.47
C GLY A 147 11.71 -4.97 -14.39
N LEU A 148 10.92 -5.71 -13.62
CA LEU A 148 10.14 -5.10 -12.56
C LEU A 148 11.08 -4.72 -11.40
N ARG A 149 12.08 -5.56 -11.17
CA ARG A 149 13.15 -5.25 -10.19
C ARG A 149 13.96 -4.03 -10.66
N THR A 150 14.18 -3.91 -11.95
CA THR A 150 14.92 -2.77 -12.52
C THR A 150 14.14 -1.45 -12.39
N LEU A 151 12.85 -1.52 -12.71
CA LEU A 151 11.97 -0.36 -12.54
C LEU A 151 11.87 0.10 -11.07
N ALA A 152 11.76 -0.84 -10.14
CA ALA A 152 11.75 -0.50 -8.70
C ALA A 152 13.06 0.11 -8.24
N GLU A 153 14.17 -0.41 -8.77
CA GLU A 153 15.49 0.10 -8.41
C GLU A 153 15.69 1.54 -8.87
N ALA A 154 15.23 1.85 -10.07
CA ALA A 154 15.28 3.21 -10.61
C ALA A 154 14.28 4.16 -9.90
N GLY A 155 13.43 3.64 -9.03
CA GLY A 155 12.64 4.47 -8.10
C GLY A 155 11.13 4.37 -8.17
N ALA A 156 10.62 3.56 -9.09
CA ALA A 156 9.18 3.46 -9.31
C ALA A 156 8.57 2.65 -8.19
N LYS A 157 7.41 3.07 -7.71
CA LYS A 157 6.61 2.22 -6.81
C LYS A 157 5.72 1.34 -7.69
N ILE A 158 5.81 0.02 -7.51
CA ILE A 158 5.05 -0.93 -8.28
C ILE A 158 4.19 -1.65 -7.26
N SER A 159 2.90 -1.79 -7.58
CA SER A 159 1.97 -2.47 -6.70
C SER A 159 0.81 -3.08 -7.49
N ILE A 160 0.04 -3.92 -6.80
CA ILE A 160 -1.07 -4.63 -7.37
C ILE A 160 -2.34 -3.84 -7.07
N MET A 161 -3.20 -3.72 -8.08
CA MET A 161 -4.49 -3.07 -7.88
C MET A 161 -5.32 -3.88 -6.92
N THR A 162 -5.84 -3.20 -5.90
CA THR A 162 -6.88 -3.72 -5.04
C THR A 162 -8.21 -3.10 -5.40
N TYR A 163 -9.27 -3.52 -4.71
CA TYR A 163 -10.56 -2.88 -4.77
C TYR A 163 -10.49 -1.35 -4.85
N SER A 164 -9.68 -0.69 -4.03
CA SER A 164 -9.61 0.79 -4.06
C SER A 164 -9.24 1.34 -5.45
N GLU A 165 -8.25 0.72 -6.07
CA GLU A 165 -7.72 1.19 -7.34
C GLU A 165 -8.72 0.90 -8.46
N PHE A 166 -9.31 -0.29 -8.44
CA PHE A 166 -10.32 -0.71 -9.42
C PHE A 166 -11.56 0.22 -9.38
N LYS A 167 -12.02 0.50 -8.17
CA LYS A 167 -13.13 1.45 -7.98
C LYS A 167 -12.78 2.86 -8.50
N HIS A 168 -11.57 3.31 -8.19
CA HIS A 168 -11.14 4.66 -8.59
C HIS A 168 -11.07 4.76 -10.09
N CYS A 169 -10.54 3.71 -10.71
CA CYS A 169 -10.39 3.65 -12.15
CA CYS A 169 -10.44 3.65 -12.16
C CYS A 169 -11.77 3.60 -12.84
N TRP A 170 -12.67 2.79 -12.32
CA TRP A 170 -14.05 2.80 -12.78
C TRP A 170 -14.64 4.18 -12.73
N ASP A 171 -14.60 4.80 -11.55
CA ASP A 171 -15.19 6.12 -11.30
C ASP A 171 -14.61 7.18 -12.21
N THR A 172 -13.31 7.08 -12.45
CA THR A 172 -12.55 8.13 -13.11
C THR A 172 -12.42 7.95 -14.62
N PHE A 173 -12.28 6.72 -15.10
CA PHE A 173 -11.92 6.53 -16.50
C PHE A 173 -12.96 5.78 -17.34
N VAL A 174 -14.08 5.42 -16.73
CA VAL A 174 -15.14 4.65 -17.38
C VAL A 174 -16.40 5.51 -17.59
N ASP A 175 -17.06 5.31 -18.72
CA ASP A 175 -18.36 5.89 -18.99
C ASP A 175 -19.44 5.13 -18.23
N HIS A 176 -19.46 5.28 -16.91
CA HIS A 176 -20.32 4.44 -16.05
C HIS A 176 -21.77 4.88 -15.98
N GLN A 177 -22.05 6.10 -16.46
CA GLN A 177 -23.39 6.70 -16.42
C GLN A 177 -24.03 6.66 -15.00
N GLY A 178 -23.20 6.89 -13.98
CA GLY A 178 -23.62 6.89 -12.58
C GLY A 178 -23.65 5.53 -11.86
N ALA A 179 -23.48 4.44 -12.60
CA ALA A 179 -23.52 3.12 -11.98
C ALA A 179 -22.28 2.97 -11.13
N PRO A 180 -22.42 2.42 -9.90
CA PRO A 180 -21.27 2.22 -9.05
C PRO A 180 -20.41 1.05 -9.51
N PHE A 181 -19.13 1.06 -9.13
CA PHE A 181 -18.25 -0.06 -9.42
C PHE A 181 -18.86 -1.33 -8.83
N GLN A 182 -18.98 -2.37 -9.64
CA GLN A 182 -19.43 -3.66 -9.12
C GLN A 182 -18.26 -4.66 -9.12
N PRO A 183 -17.64 -4.90 -7.95
CA PRO A 183 -16.56 -5.87 -7.88
C PRO A 183 -17.01 -7.28 -8.25
N TRP A 184 -16.17 -7.96 -9.00
CA TRP A 184 -16.42 -9.32 -9.41
C TRP A 184 -16.05 -10.21 -8.25
N ASP A 185 -16.65 -11.40 -8.24
CA ASP A 185 -16.36 -12.40 -7.24
C ASP A 185 -14.86 -12.72 -7.32
N GLY A 186 -14.22 -12.85 -6.18
CA GLY A 186 -12.80 -13.22 -6.10
C GLY A 186 -11.81 -12.09 -6.19
N LEU A 187 -12.30 -10.86 -6.42
CA LEU A 187 -11.44 -9.70 -6.68
C LEU A 187 -10.35 -9.58 -5.62
N ASP A 188 -10.77 -9.63 -4.36
CA ASP A 188 -9.87 -9.39 -3.24
C ASP A 188 -8.83 -10.49 -3.10
N GLU A 189 -9.25 -11.73 -3.31
CA GLU A 189 -8.33 -12.86 -3.11
C GLU A 189 -7.29 -12.89 -4.21
N HIS A 190 -7.69 -12.62 -5.44
CA HIS A 190 -6.81 -12.61 -6.59
C HIS A 190 -5.79 -11.51 -6.42
N SER A 191 -6.27 -10.34 -6.01
CA SER A 191 -5.39 -9.22 -5.70
C SER A 191 -4.35 -9.61 -4.67
N GLN A 192 -4.79 -10.27 -3.57
CA GLN A 192 -3.89 -10.64 -2.48
C GLN A 192 -2.90 -11.70 -2.96
N ASP A 193 -3.36 -12.63 -3.79
CA ASP A 193 -2.46 -13.66 -4.33
C ASP A 193 -1.38 -12.94 -5.15
N LEU A 194 -1.80 -11.99 -5.98
CA LEU A 194 -0.84 -11.29 -6.83
C LEU A 194 0.14 -10.44 -6.02
N SER A 195 -0.33 -9.80 -4.96
CA SER A 195 0.59 -8.96 -4.19
C SER A 195 1.67 -9.77 -3.43
N GLY A 196 1.35 -11.02 -3.08
CA GLY A 196 2.33 -11.98 -2.53
C GLY A 196 3.36 -12.36 -3.57
N ARG A 197 2.89 -12.59 -4.78
CA ARG A 197 3.79 -12.90 -5.92
C ARG A 197 4.74 -11.75 -6.22
N LEU A 198 4.20 -10.54 -6.27
CA LEU A 198 4.98 -9.35 -6.57
C LEU A 198 6.04 -9.08 -5.50
N ARG A 199 5.68 -9.26 -4.24
CA ARG A 199 6.64 -9.10 -3.15
C ARG A 199 7.84 -10.05 -3.29
N ALA A 200 7.52 -11.32 -3.58
CA ALA A 200 8.54 -12.34 -3.91
C ALA A 200 9.42 -11.83 -5.04
N ILE A 201 8.78 -11.32 -6.09
CA ILE A 201 9.51 -10.86 -7.26
C ILE A 201 10.44 -9.70 -6.88
N LEU A 202 9.90 -8.66 -6.24
CA LEU A 202 10.69 -7.47 -5.90
C LEU A 202 11.74 -7.78 -4.84
N SER B 19 -7.37 -13.28 18.59
CA SER B 19 -8.53 -12.90 17.70
C SER B 19 -9.53 -11.93 18.33
N MET B 20 -9.95 -10.93 17.56
CA MET B 20 -10.92 -9.96 18.04
C MET B 20 -12.28 -10.09 17.35
N ASP B 21 -13.25 -9.52 18.04
CA ASP B 21 -14.60 -9.33 17.59
C ASP B 21 -14.67 -8.50 16.28
N PRO B 22 -15.45 -8.93 15.27
CA PRO B 22 -15.66 -8.12 14.07
C PRO B 22 -16.14 -6.67 14.30
N PRO B 23 -17.23 -6.43 15.06
CA PRO B 23 -17.59 -5.05 15.39
C PRO B 23 -16.47 -4.24 16.05
N THR B 24 -15.67 -4.88 16.88
CA THR B 24 -14.52 -4.24 17.49
C THR B 24 -13.44 -3.84 16.49
N PHE B 25 -13.15 -4.71 15.53
CA PHE B 25 -12.19 -4.39 14.45
C PHE B 25 -12.70 -3.23 13.62
N THR B 26 -13.96 -3.33 13.24
CA THR B 26 -14.58 -2.36 12.33
C THR B 26 -14.66 -0.96 12.89
N PHE B 27 -15.16 -0.85 14.12
CA PHE B 27 -15.15 0.41 14.86
C PHE B 27 -13.75 1.03 15.05
N ASN B 28 -12.79 0.21 15.50
CA ASN B 28 -11.44 0.68 15.81
C ASN B 28 -10.46 0.91 14.65
N PHE B 29 -10.63 0.20 13.53
CA PHE B 29 -9.68 0.34 12.44
C PHE B 29 -10.19 1.21 11.30
N ASN B 30 -11.45 1.62 11.39
CA ASN B 30 -11.98 2.73 10.61
C ASN B 30 -11.02 3.94 10.58
N ASN B 31 -10.66 4.39 9.38
CA ASN B 31 -9.64 5.46 9.23
C ASN B 31 -10.23 6.82 8.87
N GLU B 32 -11.54 6.95 8.99
CA GLU B 32 -12.13 8.27 8.91
C GLU B 32 -11.51 9.12 10.01
N PRO B 33 -10.82 10.22 9.63
CA PRO B 33 -9.94 10.99 10.51
C PRO B 33 -10.64 11.61 11.72
N TRP B 34 -11.97 11.67 11.67
CA TRP B 34 -12.77 12.50 12.56
C TRP B 34 -13.60 11.77 13.60
N VAL B 35 -14.17 10.63 13.19
CA VAL B 35 -15.20 9.96 14.03
C VAL B 35 -14.74 9.91 15.47
N ARG B 36 -15.70 9.83 16.38
CA ARG B 36 -15.41 9.98 17.79
C ARG B 36 -15.55 8.67 18.51
N GLY B 37 -14.93 8.61 19.68
CA GLY B 37 -15.13 7.54 20.60
C GLY B 37 -14.14 6.39 20.53
N ARG B 38 -13.15 6.48 19.62
CA ARG B 38 -12.08 5.50 19.56
C ARG B 38 -11.02 5.86 20.61
N HIS B 39 -11.36 5.59 21.87
CA HIS B 39 -10.47 5.86 22.99
CA HIS B 39 -10.48 5.87 22.99
C HIS B 39 -9.45 4.78 23.04
N GLU B 40 -9.79 3.61 22.54
CA GLU B 40 -8.86 2.47 22.63
C GLU B 40 -7.81 2.51 21.52
N THR B 41 -6.66 1.91 21.82
CA THR B 41 -5.68 1.53 20.80
C THR B 41 -5.60 0.01 20.80
N TYR B 42 -5.82 -0.53 19.61
CA TYR B 42 -5.59 -1.94 19.31
C TYR B 42 -4.33 -2.11 18.51
N LEU B 43 -3.54 -3.11 18.93
CA LEU B 43 -2.28 -3.46 18.31
C LEU B 43 -2.20 -4.96 17.95
N CYS B 44 -2.11 -5.22 16.66
CA CYS B 44 -2.01 -6.59 16.15
C CYS B 44 -0.56 -6.81 15.75
N TYR B 45 0.03 -7.90 16.21
CA TYR B 45 1.44 -8.15 15.92
C TYR B 45 1.69 -9.51 15.26
N GLU B 46 2.75 -9.55 14.46
CA GLU B 46 3.22 -10.82 13.85
C GLU B 46 4.72 -10.71 13.58
N VAL B 47 5.37 -11.87 13.51
CA VAL B 47 6.83 -11.93 13.51
C VAL B 47 7.30 -12.70 12.28
N GLU B 48 8.35 -12.18 11.65
CA GLU B 48 9.11 -12.90 10.65
C GLU B 48 10.54 -13.10 11.12
N ARG B 49 11.08 -14.28 10.82
CA ARG B 49 12.49 -14.57 11.06
C ARG B 49 13.19 -14.70 9.73
N MET B 50 14.37 -14.10 9.64
CA MET B 50 15.22 -14.20 8.46
C MET B 50 15.81 -15.61 8.37
N HIS B 51 15.46 -16.32 7.31
CA HIS B 51 16.04 -17.61 7.01
C HIS B 51 16.62 -17.58 5.61
N ASN B 52 17.95 -17.51 5.55
CA ASN B 52 18.69 -17.56 4.30
C ASN B 52 18.20 -16.51 3.30
N ASP B 53 18.35 -15.24 3.69
CA ASP B 53 18.10 -14.10 2.80
C ASP B 53 16.63 -13.76 2.58
N THR B 54 15.71 -14.59 3.08
CA THR B 54 14.29 -14.29 2.96
C THR B 54 13.55 -14.33 4.28
N TRP B 55 12.54 -13.48 4.39
CA TRP B 55 11.69 -13.42 5.57
C TRP B 55 10.63 -14.48 5.51
N VAL B 56 10.62 -15.40 6.46
CA VAL B 56 9.48 -16.33 6.61
C VAL B 56 8.71 -16.07 7.91
N LYS B 57 7.38 -16.02 7.82
CA LYS B 57 6.57 -15.75 9.01
C LYS B 57 6.54 -16.95 9.96
N LEU B 58 6.62 -16.61 11.25
CA LEU B 58 6.43 -17.53 12.35
C LEU B 58 4.95 -17.40 12.75
N ASN B 59 4.09 -18.22 12.16
CA ASN B 59 2.64 -18.11 12.37
C ASN B 59 2.19 -18.14 13.86
N GLN B 60 3.00 -18.76 14.72
CA GLN B 60 2.89 -18.61 16.18
C GLN B 60 3.59 -17.31 16.61
N ARG B 61 3.26 -16.80 17.79
CA ARG B 61 3.70 -15.47 18.22
C ARG B 61 2.91 -14.35 17.53
N ARG B 62 1.83 -14.69 16.80
CA ARG B 62 0.93 -13.70 16.20
C ARG B 62 -0.13 -13.43 17.25
N GLY B 63 -0.51 -12.19 17.42
CA GLY B 63 -1.52 -11.90 18.44
C GLY B 63 -1.94 -10.45 18.37
N PHE B 64 -2.80 -10.05 19.30
CA PHE B 64 -3.23 -8.69 19.38
C PHE B 64 -3.45 -8.30 20.83
N LEU B 65 -3.41 -7.00 21.08
CA LEU B 65 -3.74 -6.48 22.40
C LEU B 65 -4.31 -5.07 22.28
N ALA B 66 -4.90 -4.62 23.38
CA ALA B 66 -5.36 -3.24 23.53
C ALA B 66 -4.74 -2.55 24.74
N ASN B 67 -4.83 -1.21 24.76
CA ASN B 67 -4.44 -0.48 25.94
C ASN B 67 -5.33 -0.88 27.12
N GLN B 68 -4.79 -0.75 28.33
CA GLN B 68 -5.55 -1.06 29.55
C GLN B 68 -6.33 0.15 30.10
N ALA B 69 -7.54 -0.09 30.57
CA ALA B 69 -8.30 0.85 31.40
C ALA B 69 -7.60 1.21 32.72
N PRO B 70 -7.76 2.46 33.17
CA PRO B 70 -7.19 2.81 34.48
C PRO B 70 -7.84 2.01 35.62
N HIS B 71 -7.09 1.78 36.69
CA HIS B 71 -7.60 1.03 37.85
C HIS B 71 -8.63 1.87 38.58
N LYS B 72 -9.61 1.22 39.19
CA LYS B 72 -10.76 1.90 39.82
C LYS B 72 -10.34 2.91 40.86
N HIS B 73 -9.20 2.65 41.49
CA HIS B 73 -8.67 3.51 42.54
C HIS B 73 -8.28 4.89 42.10
N GLY B 74 -8.18 5.12 40.80
CA GLY B 74 -7.83 6.45 40.31
C GLY B 74 -6.37 6.86 40.42
N PHE B 75 -6.11 8.10 40.02
CA PHE B 75 -4.78 8.73 40.02
C PHE B 75 -3.85 8.32 38.89
N LEU B 76 -3.77 7.03 38.58
CA LEU B 76 -2.82 6.55 37.56
C LEU B 76 -3.56 6.25 36.26
N GLU B 77 -2.97 6.63 35.12
CA GLU B 77 -3.57 6.36 33.81
C GLU B 77 -3.41 4.86 33.43
N GLY B 78 -4.36 4.35 32.67
CA GLY B 78 -4.27 2.98 32.16
C GLY B 78 -3.01 2.76 31.31
N ARG B 79 -2.43 1.57 31.39
CA ARG B 79 -1.19 1.26 30.67
C ARG B 79 -1.43 1.20 29.16
N HIS B 80 -0.58 1.89 28.40
CA HIS B 80 -0.77 2.00 26.95
C HIS B 80 -0.42 0.71 26.24
N ALA B 81 -1.12 0.43 25.12
CA ALA B 81 -0.95 -0.79 24.31
C ALA B 81 0.46 -1.00 23.87
N GLU B 82 1.14 0.10 23.61
CA GLU B 82 2.51 0.06 23.10
C GLU B 82 3.40 -0.49 24.21
N LEU B 83 3.07 -0.12 25.45
CA LEU B 83 3.83 -0.52 26.61
C LEU B 83 3.63 -1.99 26.87
N CYS B 84 2.36 -2.40 26.84
CA CYS B 84 2.01 -3.80 26.94
C CYS B 84 2.74 -4.64 25.91
N PHE B 85 2.87 -4.11 24.71
CA PHE B 85 3.50 -4.83 23.60
C PHE B 85 4.97 -5.06 23.87
N LEU B 86 5.68 -4.02 24.32
CA LEU B 86 7.08 -4.14 24.77
C LEU B 86 7.24 -5.10 25.98
N ASP B 87 6.25 -5.11 26.87
CA ASP B 87 6.14 -6.05 28.01
C ASP B 87 6.19 -7.52 27.59
N VAL B 88 5.60 -7.86 26.45
CA VAL B 88 5.46 -9.27 26.02
C VAL B 88 6.66 -9.78 25.23
N ILE B 89 7.32 -8.90 24.49
CA ILE B 89 8.39 -9.30 23.53
C ILE B 89 9.41 -10.29 24.15
N PRO B 90 9.96 -9.96 25.34
CA PRO B 90 10.91 -10.81 26.05
C PRO B 90 10.41 -12.23 26.30
N PHE B 91 9.12 -12.40 26.59
CA PHE B 91 8.57 -13.75 26.85
C PHE B 91 8.47 -14.57 25.57
N TRP B 92 8.82 -13.98 24.42
CA TRP B 92 8.85 -14.72 23.15
C TRP B 92 10.09 -15.53 23.06
N LYS B 93 11.07 -15.14 23.89
CA LYS B 93 12.38 -15.77 23.94
C LYS B 93 12.94 -15.95 22.52
N LEU B 94 13.05 -14.83 21.80
CA LEU B 94 13.68 -14.77 20.49
C LEU B 94 15.17 -15.06 20.63
N ASP B 95 15.75 -15.61 19.56
CA ASP B 95 17.18 -15.85 19.46
C ASP B 95 17.90 -14.52 19.22
N LEU B 96 18.65 -14.06 20.22
CA LEU B 96 19.41 -12.80 20.13
C LEU B 96 20.51 -12.79 19.06
N ASP B 97 20.82 -13.95 18.47
CA ASP B 97 21.80 -14.05 17.39
C ASP B 97 21.13 -14.14 16.02
N GLN B 98 19.79 -14.20 16.02
CA GLN B 98 18.98 -14.25 14.80
C GLN B 98 18.42 -12.86 14.46
N ASP B 99 17.89 -12.73 13.24
CA ASP B 99 17.26 -11.48 12.79
C ASP B 99 15.76 -11.65 12.63
N TYR B 100 15.01 -10.73 13.24
CA TYR B 100 13.55 -10.80 13.29
C TYR B 100 12.96 -9.49 12.78
N ARG B 101 11.85 -9.63 12.05
CA ARG B 101 11.03 -8.48 11.67
C ARG B 101 9.65 -8.53 12.32
N VAL B 102 9.38 -7.54 13.16
CA VAL B 102 8.11 -7.46 13.88
C VAL B 102 7.20 -6.39 13.29
N THR B 103 6.01 -6.81 12.86
CA THR B 103 5.00 -5.93 12.26
C THR B 103 3.86 -5.66 13.23
N CYS B 104 3.59 -4.38 13.47
CA CYS B 104 2.46 -3.98 14.28
C CYS B 104 1.47 -3.25 13.39
N PHE B 105 0.22 -3.72 13.41
CA PHE B 105 -0.91 -3.04 12.80
C PHE B 105 -1.67 -2.35 13.93
N THR B 106 -1.67 -1.02 13.92
CA THR B 106 -2.18 -0.25 15.06
C THR B 106 -3.37 0.61 14.61
N SER B 107 -4.37 0.75 15.47
CA SER B 107 -5.53 1.60 15.16
C SER B 107 -5.23 3.09 15.32
N TRP B 108 -4.37 3.38 16.31
CA TRP B 108 -3.73 4.69 16.53
C TRP B 108 -2.22 4.51 16.53
N SER B 109 -1.51 5.53 16.10
CA SER B 109 -0.06 5.57 16.24
C SER B 109 0.31 5.91 17.69
N PRO B 110 1.57 5.70 18.06
CA PRO B 110 1.92 5.91 19.48
C PRO B 110 1.94 7.36 19.94
N CYS B 111 1.58 7.56 21.21
CA CYS B 111 1.79 8.83 21.89
C CYS B 111 3.30 9.07 22.04
N PHE B 112 3.67 10.29 22.43
CA PHE B 112 5.08 10.64 22.49
C PHE B 112 5.92 9.73 23.39
N SER B 113 5.47 9.56 24.64
CA SER B 113 6.24 8.78 25.62
C SER B 113 6.36 7.33 25.17
N CYS B 114 5.32 6.77 24.57
CA CYS B 114 5.42 5.41 24.05
C CYS B 114 6.41 5.28 22.89
N ALA B 115 6.39 6.25 21.96
CA ALA B 115 7.34 6.23 20.82
C ALA B 115 8.80 6.27 21.28
N GLN B 116 9.08 7.07 22.31
CA GLN B 116 10.45 7.16 22.85
C GLN B 116 10.83 5.83 23.52
N GLU B 117 9.89 5.20 24.22
CA GLU B 117 10.14 3.90 24.86
C GLU B 117 10.40 2.83 23.79
N MET B 118 9.65 2.92 22.69
CA MET B 118 9.80 2.00 21.57
C MET B 118 11.15 2.18 20.88
N ALA B 119 11.53 3.44 20.64
CA ALA B 119 12.84 3.78 20.02
C ALA B 119 14.02 3.26 20.85
N LYS B 120 13.91 3.39 22.17
CA LYS B 120 14.89 2.88 23.13
C LYS B 120 14.93 1.35 23.09
N PHE B 121 13.77 0.71 23.00
CA PHE B 121 13.74 -0.76 22.95
C PHE B 121 14.48 -1.31 21.72
N ILE B 122 14.17 -0.76 20.55
CA ILE B 122 14.78 -1.26 19.31
C ILE B 122 16.26 -0.89 19.17
N SER B 123 16.68 0.18 19.84
CA SER B 123 18.09 0.53 19.88
C SER B 123 18.87 -0.49 20.70
N LYS B 124 18.26 -0.97 21.78
CA LYS B 124 18.91 -1.90 22.71
C LYS B 124 18.74 -3.36 22.24
N ASN B 125 17.72 -3.62 21.43
CA ASN B 125 17.48 -4.95 20.85
C ASN B 125 17.66 -4.95 19.33
N LYS B 126 18.92 -5.07 18.90
CA LYS B 126 19.31 -4.92 17.49
C LYS B 126 18.96 -6.13 16.58
N HIS B 127 18.56 -7.23 17.20
CA HIS B 127 18.01 -8.37 16.44
C HIS B 127 16.57 -8.18 16.03
N VAL B 128 15.95 -7.11 16.51
CA VAL B 128 14.54 -6.83 16.22
C VAL B 128 14.35 -5.59 15.35
N SER B 129 13.81 -5.79 14.14
CA SER B 129 13.44 -4.71 13.23
C SER B 129 11.91 -4.53 13.23
N LEU B 130 11.49 -3.28 13.38
CA LEU B 130 10.10 -2.95 13.67
C LEU B 130 9.46 -2.09 12.57
N CYS B 131 8.13 -2.65 11.94
CA CYS B 131 7.26 -1.96 11.02
C CYS B 131 5.95 -1.71 11.65
N ILE B 132 5.61 -0.26 11.90
CA ILE B 132 4.25 0.11 12.33
C ILE B 132 3.50 0.53 11.09
N LYS B 133 2.38 -0.17 10.86
CA LYS B 133 1.36 0.18 9.87
C LYS B 133 0.13 0.64 10.66
N THR B 134 -0.22 1.92 10.55
CA THR B 134 -1.25 2.53 11.41
C THR B 134 -2.49 2.96 10.63
N ALA B 135 -3.63 2.65 11.18
CA ALA B 135 -4.89 3.05 10.58
C ALA B 135 -5.04 4.57 10.62
N ARG B 136 -4.63 5.19 11.73
CA ARG B 136 -4.74 6.66 11.97
C ARG B 136 -3.53 7.19 12.71
N ILE B 137 -3.25 8.49 12.52
CA ILE B 137 -2.19 9.18 13.23
C ILE B 137 -2.79 9.84 14.48
N TYR B 138 -2.28 9.46 15.65
CA TYR B 138 -2.67 10.08 16.90
C TYR B 138 -1.92 11.38 17.08
N ASP B 139 -2.64 12.43 17.47
CA ASP B 139 -2.10 13.81 17.60
C ASP B 139 -1.19 13.97 18.81
N ASP B 140 -1.65 13.48 19.97
CA ASP B 140 -1.00 13.64 21.28
C ASP B 140 -0.74 15.11 21.56
N GLN B 141 -1.84 15.86 21.56
CA GLN B 141 -1.85 17.30 21.80
C GLN B 141 -0.66 18.00 21.14
N GLY B 142 -0.37 17.64 19.88
CA GLY B 142 0.70 18.29 19.13
C GLY B 142 2.07 17.67 19.38
N ARG B 143 2.19 16.91 20.48
CA ARG B 143 3.49 16.38 20.95
C ARG B 143 3.97 15.09 20.25
N ALA B 144 3.15 14.48 19.40
CA ALA B 144 3.46 13.16 18.83
C ALA B 144 4.18 13.12 17.48
N GLN B 145 4.20 14.24 16.75
CA GLN B 145 4.86 14.27 15.45
C GLN B 145 6.36 14.04 15.65
N GLU B 146 6.87 14.53 16.78
CA GLU B 146 8.28 14.38 17.14
C GLU B 146 8.61 12.92 17.54
N GLY B 147 7.65 12.24 18.16
CA GLY B 147 7.86 10.84 18.54
C GLY B 147 7.96 9.94 17.34
N LEU B 148 7.23 10.30 16.28
CA LEU B 148 7.24 9.50 15.07
C LEU B 148 8.59 9.68 14.39
N ARG B 149 9.11 10.90 14.43
CA ARG B 149 10.47 11.17 13.95
C ARG B 149 11.50 10.37 14.74
N THR B 150 11.29 10.29 16.05
CA THR B 150 12.23 9.55 16.93
C THR B 150 12.23 8.05 16.65
N LEU B 151 11.03 7.48 16.48
CA LEU B 151 10.94 6.07 16.06
C LEU B 151 11.62 5.79 14.72
N ALA B 152 11.36 6.66 13.75
CA ALA B 152 11.96 6.50 12.43
C ALA B 152 13.47 6.64 12.47
N GLU B 153 13.95 7.56 13.30
CA GLU B 153 15.40 7.76 13.47
C GLU B 153 16.07 6.54 14.10
N ALA B 154 15.39 5.90 15.06
CA ALA B 154 15.87 4.66 15.68
C ALA B 154 15.78 3.47 14.73
N GLY B 155 15.15 3.65 13.57
CA GLY B 155 15.19 2.63 12.51
C GLY B 155 13.84 1.99 12.20
N ALA B 156 12.78 2.47 12.85
CA ALA B 156 11.44 1.92 12.69
C ALA B 156 10.90 2.31 11.32
N LYS B 157 10.24 1.36 10.68
CA LYS B 157 9.53 1.60 9.42
C LYS B 157 8.06 1.94 9.80
N ILE B 158 7.64 3.15 9.46
CA ILE B 158 6.30 3.61 9.81
C ILE B 158 5.53 3.96 8.55
N SER B 159 4.27 3.51 8.49
CA SER B 159 3.45 3.67 7.29
C SER B 159 1.96 3.61 7.61
N ILE B 160 1.16 4.00 6.64
CA ILE B 160 -0.28 4.04 6.79
C ILE B 160 -0.92 2.76 6.24
N MET B 161 -1.92 2.23 6.94
CA MET B 161 -2.67 1.07 6.45
C MET B 161 -3.54 1.45 5.28
N THR B 162 -3.45 0.66 4.19
CA THR B 162 -4.29 0.80 3.02
C THR B 162 -5.17 -0.46 2.99
N TYR B 163 -5.96 -0.56 1.92
CA TYR B 163 -6.88 -1.69 1.68
C TYR B 163 -6.27 -3.05 2.00
N SER B 164 -5.07 -3.36 1.46
CA SER B 164 -4.51 -4.70 1.66
C SER B 164 -4.12 -4.99 3.12
N GLU B 165 -3.71 -3.99 3.90
CA GLU B 165 -3.35 -4.18 5.29
C GLU B 165 -4.60 -4.47 6.11
N PHE B 166 -5.64 -3.68 5.86
CA PHE B 166 -6.93 -3.86 6.52
C PHE B 166 -7.50 -5.26 6.24
N LYS B 167 -7.46 -5.68 5.00
CA LYS B 167 -7.92 -7.04 4.62
C LYS B 167 -7.07 -8.14 5.30
N HIS B 168 -5.76 -7.95 5.33
CA HIS B 168 -4.85 -8.90 5.97
C HIS B 168 -5.12 -9.00 7.46
N CYS B 169 -5.35 -7.85 8.08
CA CYS B 169 -5.65 -7.80 9.52
CA CYS B 169 -5.68 -7.80 9.52
C CYS B 169 -7.01 -8.45 9.85
N TRP B 170 -8.04 -8.17 9.05
CA TRP B 170 -9.33 -8.85 9.16
C TRP B 170 -9.15 -10.37 9.10
N ASP B 171 -8.54 -10.83 8.01
CA ASP B 171 -8.33 -12.25 7.76
C ASP B 171 -7.51 -12.95 8.85
N THR B 172 -6.54 -12.23 9.39
CA THR B 172 -5.59 -12.78 10.32
C THR B 172 -5.99 -12.61 11.79
N PHE B 173 -6.66 -11.52 12.15
CA PHE B 173 -6.87 -11.22 13.56
C PHE B 173 -8.29 -11.12 14.03
N VAL B 174 -9.22 -11.31 13.13
CA VAL B 174 -10.63 -11.17 13.43
C VAL B 174 -11.32 -12.53 13.46
N ASP B 175 -12.24 -12.69 14.40
CA ASP B 175 -13.14 -13.86 14.43
C ASP B 175 -14.16 -13.72 13.33
N HIS B 176 -13.74 -13.80 12.09
CA HIS B 176 -14.61 -13.43 10.95
C HIS B 176 -15.63 -14.48 10.60
N GLN B 177 -15.45 -15.69 11.12
CA GLN B 177 -16.31 -16.85 10.83
C GLN B 177 -16.52 -17.05 9.31
N GLY B 178 -15.46 -16.85 8.53
CA GLY B 178 -15.52 -16.98 7.06
C GLY B 178 -16.02 -15.78 6.26
N ALA B 179 -16.57 -14.76 6.92
CA ALA B 179 -17.07 -13.60 6.18
C ALA B 179 -15.91 -12.78 5.67
N PRO B 180 -16.02 -12.26 4.44
CA PRO B 180 -14.95 -11.47 3.88
C PRO B 180 -14.85 -10.06 4.43
N PHE B 181 -13.65 -9.49 4.33
CA PHE B 181 -13.42 -8.10 4.68
C PHE B 181 -14.38 -7.20 3.90
N GLN B 182 -15.09 -6.32 4.59
CA GLN B 182 -15.85 -5.26 3.90
C GLN B 182 -15.26 -3.84 4.14
N PRO B 183 -14.87 -3.15 3.07
CA PRO B 183 -14.36 -1.78 3.17
C PRO B 183 -15.49 -0.78 3.51
N TRP B 184 -15.12 0.34 4.11
CA TRP B 184 -16.01 1.50 4.26
C TRP B 184 -15.75 2.49 3.17
N ASP B 185 -16.74 3.35 2.91
CA ASP B 185 -16.63 4.43 1.95
C ASP B 185 -15.49 5.34 2.41
N GLY B 186 -14.70 5.80 1.46
CA GLY B 186 -13.60 6.73 1.76
C GLY B 186 -12.29 6.07 2.19
N LEU B 187 -12.26 4.74 2.34
CA LEU B 187 -11.08 4.07 2.90
C LEU B 187 -9.73 4.51 2.30
N ASP B 188 -9.64 4.42 0.98
CA ASP B 188 -8.40 4.77 0.29
C ASP B 188 -8.07 6.28 0.28
N GLU B 189 -9.11 7.12 0.20
CA GLU B 189 -8.91 8.58 0.25
C GLU B 189 -8.32 9.00 1.60
N HIS B 190 -8.88 8.46 2.67
CA HIS B 190 -8.41 8.77 4.05
C HIS B 190 -7.01 8.27 4.23
N SER B 191 -6.76 7.04 3.74
CA SER B 191 -5.42 6.44 3.72
C SER B 191 -4.43 7.40 3.07
N GLN B 192 -4.77 7.91 1.88
CA GLN B 192 -3.88 8.75 1.11
C GLN B 192 -3.63 10.09 1.81
N ASP B 193 -4.67 10.62 2.42
CA ASP B 193 -4.54 11.89 3.14
C ASP B 193 -3.59 11.68 4.32
N LEU B 194 -3.74 10.55 4.99
CA LEU B 194 -2.85 10.20 6.07
C LEU B 194 -1.40 10.01 5.62
N SER B 195 -1.16 9.36 4.47
CA SER B 195 0.24 9.14 4.04
C SER B 195 0.96 10.44 3.71
N GLY B 196 0.23 11.43 3.19
CA GLY B 196 0.79 12.75 2.90
C GLY B 196 1.22 13.42 4.19
N ARG B 197 0.34 13.33 5.18
CA ARG B 197 0.63 13.87 6.50
C ARG B 197 1.84 13.21 7.15
N LEU B 198 1.92 11.89 7.06
CA LEU B 198 3.05 11.12 7.58
C LEU B 198 4.37 11.49 6.90
N ARG B 199 4.35 11.62 5.58
CA ARG B 199 5.52 11.98 4.79
C ARG B 199 6.06 13.36 5.23
N ALA B 200 5.14 14.31 5.40
CA ALA B 200 5.39 15.64 5.96
C ALA B 200 6.04 15.57 7.34
N ILE B 201 5.52 14.66 8.16
CA ILE B 201 6.04 14.45 9.50
C ILE B 201 7.45 13.87 9.46
N LEU B 202 7.69 12.89 8.58
CA LEU B 202 8.97 12.17 8.57
C LEU B 202 10.10 12.85 7.78
N GLN B 203 9.73 13.82 6.93
CA GLN B 203 10.69 14.52 6.06
C GLN B 203 11.44 15.59 6.85
ZN ZN C . 4.95 0.62 -40.13
ZN ZN D . 6.50 -3.79 -23.52
O5 PQR E . -1.33 6.88 -5.57
C6 PQR E . -0.15 6.70 -5.23
C7 PQR E . 0.19 6.66 -3.79
O4 PQR E . -0.72 6.76 -2.93
C8 PQR E . 1.50 6.50 -3.39
C9 PQR E . 2.51 6.37 -4.35
N2 PQR E . 3.81 6.25 -3.84
N3 PQR E . 4.85 6.51 -4.60
O3 PQR E . 6.14 6.41 -4.08
C10 PQR E . 4.05 5.91 -2.44
C5 PQR E . 0.85 6.55 -6.20
C4 PQR E . 2.18 6.41 -5.82
ZN ZN F . -3.44 -0.08 40.49
ZN ZN G . 1.51 5.85 24.93
O5 PQR H . 6.52 -4.90 5.15
C6 PQR H . 7.54 -4.42 5.66
C7 PQR H . 8.73 -4.09 4.84
O4 PQR H . 8.66 -4.29 3.62
C8 PQR H . 9.89 -3.55 5.44
C9 PQR H . 9.93 -3.34 6.81
N2 PQR H . 11.08 -2.78 7.43
N3 PQR H . 11.20 -2.77 8.77
O3 PQR H . 12.08 -1.93 9.48
C10 PQR H . 12.13 -2.12 6.63
C5 PQR H . 7.55 -4.21 7.02
C4 PQR H . 8.70 -3.68 7.61
#